data_8VKT
#
_entry.id   8VKT
#
_cell.length_a   131.822
_cell.length_b   44.914
_cell.length_c   78.024
_cell.angle_alpha   90.00
_cell.angle_beta   104.28
_cell.angle_gamma   90.00
#
_symmetry.space_group_name_H-M   'C 1 2 1'
#
loop_
_entity.id
_entity.type
_entity.pdbx_description
1 polymer 'Probable succinyl-diaminopimelate desuccinylase'
2 non-polymer 'ZINC ION'
3 non-polymer GLYCEROL
4 non-polymer 1,2-ETHANEDIOL
5 water water
#
_entity_poly.entity_id   1
_entity_poly.type   'polypeptide(L)'
_entity_poly.pdbx_seq_one_letter_code
;MGSSHHHHHHSSGLVPRGSHMASMKKEEKIAILQEIIRIKSVNGNEGEVAAYLNKLLARHDITGEIVSYRDGRDNLIARY
QKGQSGKVLGLSGHMDVVAAGDESSWTYAPFAAEIHGNRLYGRGATDMKSGLAAMVIAMIELKESGKPFNGTVKLLATVG
EEVGELGGEQLTKAGYVDDLDALIIGEPTNYSLMYTHMGSINYTVTSHGKEAHSSMPDQGYNAINHLNEFITKANAEMNH
LAETIENPVLGKTIHNVTLISGGNQVNSIPSHAQLQGNIRSIPEYPNDKIIALLQSIVNELNQETDYHLELMIDYNKIPV
KADPDSPLIHSIQQQFSQPLPLVGAAATTDAAEFTKANHSFDFVVFGPGVVTLPHQVDEYVEIDNYLDMIEKYQGIILSY
LA
;
_entity_poly.pdbx_strand_id   A
#
# COMPACT_ATOMS: atom_id res chain seq x y z
N HIS A 20 15.18 37.19 -4.00
CA HIS A 20 13.76 37.50 -4.13
CA HIS A 20 13.77 37.50 -4.16
C HIS A 20 13.03 36.66 -5.22
N MET A 21 13.22 35.34 -5.19
CA MET A 21 12.64 34.38 -6.14
C MET A 21 11.11 34.33 -6.03
N ALA A 22 10.43 34.06 -7.16
CA ALA A 22 8.98 34.04 -7.18
C ALA A 22 8.44 32.81 -6.47
N SER A 23 7.29 32.95 -5.84
CA SER A 23 6.58 31.81 -5.28
C SER A 23 5.93 30.99 -6.40
N MET A 24 5.66 29.72 -6.09
CA MET A 24 4.82 28.90 -6.95
CA MET A 24 4.82 28.89 -6.94
C MET A 24 3.37 29.27 -6.68
N LYS A 25 2.63 29.60 -7.74
CA LYS A 25 1.27 30.01 -7.43
CA LYS A 25 1.24 30.02 -7.60
C LYS A 25 0.33 28.85 -7.24
N LYS A 26 -0.79 29.15 -6.56
CA LYS A 26 -1.83 28.17 -6.30
C LYS A 26 -2.22 27.45 -7.58
N GLU A 27 -2.41 28.17 -8.67
CA GLU A 27 -2.88 27.55 -9.89
C GLU A 27 -1.88 26.51 -10.41
N GLU A 28 -0.58 26.76 -10.20
CA GLU A 28 0.40 25.78 -10.62
C GLU A 28 0.38 24.55 -9.71
N LYS A 29 0.23 24.75 -8.41
CA LYS A 29 0.14 23.60 -7.52
C LYS A 29 -1.01 22.71 -7.91
N ILE A 30 -2.17 23.31 -8.28
CA ILE A 30 -3.31 22.51 -8.70
C ILE A 30 -3.07 21.87 -10.06
N ALA A 31 -2.46 22.62 -10.99
CA ALA A 31 -2.20 22.07 -12.32
C ALA A 31 -1.26 20.88 -12.27
N ILE A 32 -0.26 20.90 -11.38
CA ILE A 32 0.65 19.76 -11.27
C ILE A 32 -0.15 18.48 -10.90
N LEU A 33 -1.04 18.60 -9.91
CA LEU A 33 -1.85 17.46 -9.52
C LEU A 33 -2.75 17.02 -10.67
N GLN A 34 -3.41 17.98 -11.33
CA GLN A 34 -4.26 17.58 -12.45
C GLN A 34 -3.45 16.87 -13.53
N GLU A 35 -2.24 17.37 -13.84
N GLU A 35 -2.23 17.32 -13.79
CA GLU A 35 -1.46 16.71 -14.89
CA GLU A 35 -1.47 16.73 -14.89
C GLU A 35 -1.15 15.27 -14.52
C GLU A 35 -0.97 15.33 -14.56
N ILE A 36 -0.73 15.03 -13.27
CA ILE A 36 -0.38 13.64 -12.98
C ILE A 36 -1.61 12.73 -12.91
N ILE A 37 -2.78 13.24 -12.47
CA ILE A 37 -4.01 12.45 -12.56
C ILE A 37 -4.35 12.10 -14.00
N ARG A 38 -4.11 13.04 -14.92
CA ARG A 38 -4.43 12.77 -16.33
C ARG A 38 -3.50 11.73 -16.95
N ILE A 39 -2.36 11.41 -16.35
CA ILE A 39 -1.52 10.29 -16.77
C ILE A 39 -2.13 9.03 -16.22
N LYS A 40 -2.72 8.23 -17.08
CA LYS A 40 -3.38 7.02 -16.65
C LYS A 40 -2.28 6.01 -16.33
N SER A 41 -2.23 5.58 -15.06
CA SER A 41 -1.17 4.73 -14.57
C SER A 41 -1.75 3.51 -13.85
N VAL A 42 -2.61 2.80 -14.55
CA VAL A 42 -3.33 1.68 -13.96
C VAL A 42 -2.42 0.46 -14.07
N ASN A 43 -1.92 0.00 -12.92
CA ASN A 43 -1.00 -1.10 -12.85
C ASN A 43 0.14 -1.03 -13.90
N GLY A 44 0.64 0.17 -14.14
CA GLY A 44 1.63 0.37 -15.18
C GLY A 44 1.77 1.86 -15.47
N ASN A 45 2.67 2.15 -16.41
CA ASN A 45 2.90 3.49 -16.95
C ASN A 45 3.41 4.45 -15.89
N GLU A 46 4.03 3.90 -14.82
CA GLU A 46 4.43 4.83 -13.78
C GLU A 46 5.62 5.65 -14.24
N GLY A 47 6.41 5.14 -15.20
CA GLY A 47 7.50 5.94 -15.73
C GLY A 47 7.07 7.30 -16.28
N GLU A 48 5.84 7.41 -16.82
CA GLU A 48 5.36 8.72 -17.29
CA GLU A 48 5.39 8.73 -17.28
C GLU A 48 5.11 9.67 -16.11
N VAL A 49 4.59 9.13 -14.98
CA VAL A 49 4.42 9.99 -13.82
C VAL A 49 5.76 10.38 -13.24
N ALA A 50 6.70 9.42 -13.19
CA ALA A 50 8.02 9.73 -12.65
C ALA A 50 8.73 10.78 -13.49
N ALA A 51 8.64 10.65 -14.83
CA ALA A 51 9.30 11.63 -15.67
C ALA A 51 8.71 13.00 -15.46
N TYR A 52 7.39 13.10 -15.32
CA TYR A 52 6.77 14.40 -15.09
C TYR A 52 7.28 15.04 -13.80
N LEU A 53 7.29 14.27 -12.72
CA LEU A 53 7.74 14.80 -11.45
C LEU A 53 9.25 15.09 -11.43
N ASN A 54 10.04 14.25 -12.14
CA ASN A 54 11.48 14.53 -12.19
C ASN A 54 11.76 15.82 -12.97
N LYS A 55 10.97 16.09 -14.02
CA LYS A 55 11.12 17.34 -14.78
C LYS A 55 10.72 18.53 -13.92
N LEU A 56 9.64 18.40 -13.13
CA LEU A 56 9.25 19.44 -12.20
C LEU A 56 10.36 19.74 -11.20
N LEU A 57 10.93 18.68 -10.59
CA LEU A 57 12.01 18.90 -9.64
C LEU A 57 13.19 19.63 -10.30
N ALA A 58 13.52 19.24 -11.55
CA ALA A 58 14.65 19.87 -12.22
C ALA A 58 14.39 21.36 -12.47
N ARG A 59 13.14 21.76 -12.72
CA ARG A 59 12.81 23.19 -12.86
C ARG A 59 13.12 23.97 -11.60
N HIS A 60 13.25 23.28 -10.46
CA HIS A 60 13.54 23.92 -9.19
C HIS A 60 14.87 23.44 -8.64
N ASP A 61 15.76 22.99 -9.51
CA ASP A 61 17.17 22.72 -9.15
C ASP A 61 17.29 21.61 -8.12
N ILE A 62 16.41 20.61 -8.23
CA ILE A 62 16.54 19.34 -7.51
C ILE A 62 16.66 18.26 -8.56
N THR A 63 17.75 17.46 -8.50
CA THR A 63 18.00 16.44 -9.51
C THR A 63 17.54 15.07 -8.98
N GLY A 64 16.50 14.49 -9.60
CA GLY A 64 16.02 13.19 -9.16
C GLY A 64 16.87 12.06 -9.69
N GLU A 65 16.66 10.87 -9.15
CA GLU A 65 17.27 9.62 -9.60
C GLU A 65 16.16 8.69 -10.06
N ILE A 66 16.17 8.30 -11.32
CA ILE A 66 15.22 7.33 -11.83
C ILE A 66 15.75 5.93 -11.53
N VAL A 67 14.93 5.09 -10.92
CA VAL A 67 15.30 3.70 -10.61
C VAL A 67 14.29 2.84 -11.33
N SER A 68 14.66 2.27 -12.47
N SER A 68 14.67 2.26 -12.47
CA SER A 68 13.70 1.57 -13.28
CA SER A 68 13.72 1.54 -13.30
C SER A 68 13.34 0.22 -12.68
C SER A 68 13.34 0.20 -12.69
N TYR A 69 12.05 -0.10 -12.69
CA TYR A 69 11.56 -1.42 -12.33
C TYR A 69 11.53 -2.30 -13.58
N ARG A 70 10.75 -1.91 -14.59
CA ARG A 70 10.67 -2.60 -15.89
C ARG A 70 10.40 -1.52 -16.93
N ASP A 71 10.47 -1.90 -18.21
CA ASP A 71 10.17 -0.97 -19.29
C ASP A 71 8.90 -0.20 -18.98
N GLY A 72 9.04 1.15 -18.89
CA GLY A 72 7.86 1.99 -18.73
C GLY A 72 7.39 2.18 -17.29
N ARG A 73 8.07 1.56 -16.33
CA ARG A 73 7.66 1.56 -14.93
C ARG A 73 8.88 1.92 -14.13
N ASP A 74 8.99 3.20 -13.76
CA ASP A 74 10.15 3.72 -13.08
C ASP A 74 9.78 4.29 -11.71
N ASN A 75 10.57 3.95 -10.68
CA ASN A 75 10.53 4.67 -9.41
C ASN A 75 11.37 5.94 -9.51
N LEU A 76 11.09 6.89 -8.60
CA LEU A 76 11.84 8.14 -8.54
C LEU A 76 12.30 8.41 -7.13
N ILE A 77 13.57 8.71 -6.95
CA ILE A 77 14.12 9.12 -5.66
C ILE A 77 14.64 10.55 -5.80
N ALA A 78 14.48 11.39 -4.80
CA ALA A 78 15.08 12.72 -4.81
C ALA A 78 15.46 13.12 -3.41
N ARG A 79 16.49 13.91 -3.27
N ARG A 79 16.50 13.92 -3.28
CA ARG A 79 16.97 14.30 -1.96
CA ARG A 79 16.97 14.30 -1.97
C ARG A 79 17.17 15.80 -1.90
C ARG A 79 17.17 15.80 -1.91
N TYR A 80 16.99 16.34 -0.72
CA TYR A 80 17.34 17.73 -0.43
C TYR A 80 17.92 17.78 0.96
N GLN A 81 19.16 18.27 1.07
CA GLN A 81 19.82 18.37 2.37
C GLN A 81 20.15 19.80 2.79
N LYS A 82 20.23 20.02 4.10
CA LYS A 82 20.63 21.34 4.59
C LYS A 82 21.22 21.23 5.98
N GLY A 83 22.11 22.16 6.32
CA GLY A 83 22.59 22.20 7.71
C GLY A 83 23.61 21.11 7.98
N GLN A 84 23.73 20.77 9.25
CA GLN A 84 24.62 19.69 9.65
C GLN A 84 23.99 18.34 9.32
N SER A 85 24.86 17.37 9.04
CA SER A 85 24.43 15.99 8.79
C SER A 85 23.60 15.56 9.95
N GLY A 86 22.48 14.99 9.68
CA GLY A 86 21.50 14.74 10.71
C GLY A 86 20.66 13.56 10.32
N LYS A 87 19.42 13.64 10.77
CA LYS A 87 18.52 12.58 10.45
C LYS A 87 18.12 12.66 8.98
N VAL A 88 17.61 11.55 8.48
CA VAL A 88 17.02 11.46 7.15
C VAL A 88 15.54 11.13 7.31
N LEU A 89 14.69 11.99 6.74
CA LEU A 89 13.24 11.81 6.69
C LEU A 89 12.84 11.38 5.29
N GLY A 90 12.23 10.21 5.15
CA GLY A 90 11.68 9.78 3.87
C GLY A 90 10.22 10.22 3.71
N LEU A 91 9.86 10.58 2.48
CA LEU A 91 8.47 10.88 2.09
C LEU A 91 8.16 9.94 0.96
N SER A 92 7.14 9.10 1.08
CA SER A 92 6.90 8.14 0.02
C SER A 92 5.46 8.17 -0.44
N GLY A 93 5.28 7.90 -1.73
CA GLY A 93 3.98 7.63 -2.29
C GLY A 93 4.13 6.79 -3.54
N HIS A 94 3.04 6.25 -4.02
CA HIS A 94 3.04 5.41 -5.20
C HIS A 94 2.42 6.14 -6.38
N MET A 95 2.84 5.76 -7.59
CA MET A 95 2.42 6.47 -8.81
C MET A 95 1.36 5.71 -9.59
N ASP A 96 1.14 4.46 -9.26
CA ASP A 96 0.07 3.71 -9.90
C ASP A 96 -1.25 3.99 -9.23
N VAL A 97 -2.32 3.69 -9.96
CA VAL A 97 -3.70 3.81 -9.48
C VAL A 97 -4.44 2.54 -9.86
N VAL A 98 -5.61 2.37 -9.24
CA VAL A 98 -6.44 1.21 -9.61
C VAL A 98 -7.29 1.57 -10.81
N ALA A 99 -7.80 0.53 -11.50
CA ALA A 99 -8.62 0.77 -12.67
C ALA A 99 -9.85 1.60 -12.30
N ALA A 100 -10.35 2.35 -13.27
CA ALA A 100 -11.53 3.19 -13.07
C ALA A 100 -12.83 2.40 -13.25
N GLY A 101 -12.76 1.24 -13.92
CA GLY A 101 -13.98 0.50 -14.23
C GLY A 101 -14.74 1.16 -15.36
N ASP A 102 -16.04 0.91 -15.37
CA ASP A 102 -16.89 1.44 -16.42
C ASP A 102 -16.92 2.96 -16.35
N GLU A 103 -16.33 3.63 -17.32
CA GLU A 103 -16.24 5.07 -17.22
C GLU A 103 -17.57 5.77 -17.39
N SER A 104 -18.54 5.11 -18.05
CA SER A 104 -19.88 5.66 -18.14
CA SER A 104 -19.89 5.67 -18.14
C SER A 104 -20.55 5.81 -16.77
N SER A 105 -20.09 5.06 -15.78
CA SER A 105 -20.62 5.17 -14.43
C SER A 105 -20.13 6.40 -13.67
N TRP A 106 -19.11 7.10 -14.16
CA TRP A 106 -18.55 8.27 -13.48
C TRP A 106 -19.34 9.52 -13.86
N THR A 107 -19.51 10.41 -12.89
CA THR A 107 -20.10 11.73 -13.18
C THR A 107 -19.15 12.60 -13.99
N TYR A 108 -17.86 12.57 -13.64
CA TYR A 108 -16.82 13.31 -14.36
C TYR A 108 -15.76 12.28 -14.74
N ALA A 109 -15.18 12.46 -15.90
CA ALA A 109 -14.38 11.41 -16.49
C ALA A 109 -13.17 11.13 -15.59
N PRO A 110 -12.84 9.86 -15.33
CA PRO A 110 -11.86 9.56 -14.28
C PRO A 110 -10.46 10.06 -14.53
N PHE A 111 -10.02 10.21 -15.79
CA PHE A 111 -8.68 10.69 -16.07
C PHE A 111 -8.67 12.11 -16.60
N ALA A 112 -9.75 12.89 -16.37
CA ALA A 112 -9.79 14.24 -16.87
C ALA A 112 -9.40 15.27 -15.82
N ALA A 113 -9.41 14.90 -14.53
CA ALA A 113 -8.98 15.81 -13.44
C ALA A 113 -9.78 17.11 -13.44
N GLU A 114 -11.10 17.00 -13.56
CA GLU A 114 -11.94 18.18 -13.55
C GLU A 114 -12.14 18.72 -12.15
N ILE A 115 -12.19 20.05 -12.05
CA ILE A 115 -12.41 20.77 -10.81
C ILE A 115 -13.86 21.23 -10.80
N HIS A 116 -14.55 20.92 -9.71
CA HIS A 116 -15.91 21.42 -9.46
C HIS A 116 -15.92 21.94 -8.03
N GLY A 117 -15.83 23.26 -7.89
CA GLY A 117 -15.79 23.84 -6.57
C GLY A 117 -14.48 23.46 -5.89
N ASN A 118 -14.58 22.97 -4.67
CA ASN A 118 -13.41 22.54 -3.89
C ASN A 118 -13.03 21.11 -4.18
N ARG A 119 -13.65 20.47 -5.15
CA ARG A 119 -13.35 19.07 -5.44
C ARG A 119 -12.62 18.93 -6.76
N LEU A 120 -11.57 18.09 -6.74
CA LEU A 120 -10.84 17.75 -7.94
C LEU A 120 -11.08 16.26 -8.17
N TYR A 121 -11.84 15.92 -9.23
CA TYR A 121 -12.29 14.57 -9.49
C TYR A 121 -11.32 13.80 -10.35
N GLY A 122 -11.06 12.56 -9.96
CA GLY A 122 -10.32 11.69 -10.84
C GLY A 122 -9.83 10.45 -10.15
N ARG A 123 -9.62 9.36 -10.92
CA ARG A 123 -9.01 8.18 -10.34
C ARG A 123 -7.58 8.53 -9.91
N GLY A 124 -7.25 8.27 -8.64
CA GLY A 124 -5.96 8.68 -8.10
C GLY A 124 -5.95 10.02 -7.43
N ALA A 125 -7.02 10.83 -7.54
CA ALA A 125 -7.03 12.11 -6.85
C ALA A 125 -6.84 11.96 -5.35
N THR A 126 -7.53 11.02 -4.72
CA THR A 126 -7.38 10.68 -3.32
C THR A 126 -6.32 9.61 -3.09
N ASP A 127 -6.23 8.60 -3.96
CA ASP A 127 -5.35 7.45 -3.73
C ASP A 127 -4.38 7.28 -4.92
N MET A 128 -3.22 7.94 -4.89
CA MET A 128 -2.76 8.90 -3.86
C MET A 128 -1.92 9.98 -4.52
N LYS A 129 -2.36 10.41 -5.72
CA LYS A 129 -1.58 11.40 -6.44
C LYS A 129 -1.58 12.75 -5.72
N SER A 130 -2.65 13.09 -4.98
CA SER A 130 -2.61 14.31 -4.18
C SER A 130 -1.48 14.28 -3.15
N GLY A 131 -1.34 13.17 -2.39
CA GLY A 131 -0.26 13.10 -1.40
C GLY A 131 1.09 13.14 -2.09
N LEU A 132 1.24 12.39 -3.20
CA LEU A 132 2.53 12.37 -3.90
C LEU A 132 2.90 13.76 -4.41
N ALA A 133 1.95 14.45 -5.07
CA ALA A 133 2.23 15.79 -5.57
C ALA A 133 2.52 16.75 -4.43
N ALA A 134 1.80 16.58 -3.33
CA ALA A 134 2.00 17.48 -2.18
C ALA A 134 3.37 17.28 -1.59
N MET A 135 3.86 16.03 -1.54
CA MET A 135 5.22 15.79 -1.04
C MET A 135 6.29 16.42 -1.93
N VAL A 136 6.15 16.25 -3.25
CA VAL A 136 7.13 16.80 -4.18
C VAL A 136 7.16 18.33 -4.08
N ILE A 137 5.96 18.95 -4.08
CA ILE A 137 5.88 20.41 -3.99
C ILE A 137 6.41 20.88 -2.64
N ALA A 138 6.13 20.11 -1.57
CA ALA A 138 6.64 20.50 -0.26
C ALA A 138 8.16 20.52 -0.26
N MET A 139 8.80 19.54 -0.88
N MET A 139 8.81 19.56 -0.94
CA MET A 139 10.27 19.57 -0.97
CA MET A 139 10.28 19.54 -1.02
C MET A 139 10.75 20.82 -1.69
C MET A 139 10.84 20.71 -1.82
N ILE A 140 10.12 21.13 -2.86
CA ILE A 140 10.54 22.30 -3.65
C ILE A 140 10.39 23.56 -2.82
N GLU A 141 9.22 23.73 -2.17
CA GLU A 141 8.99 24.94 -1.39
C GLU A 141 9.88 24.98 -0.16
N LEU A 142 10.16 23.84 0.44
CA LEU A 142 11.11 23.82 1.55
C LEU A 142 12.45 24.39 1.12
N LYS A 143 12.98 23.89 0.03
CA LYS A 143 14.24 24.40 -0.52
CA LYS A 143 14.24 24.40 -0.52
C LYS A 143 14.14 25.89 -0.77
N GLU A 144 13.10 26.32 -1.48
CA GLU A 144 13.05 27.74 -1.89
C GLU A 144 12.74 28.64 -0.74
N SER A 145 12.17 28.16 0.35
CA SER A 145 11.94 28.99 1.51
C SER A 145 13.24 29.40 2.19
N GLY A 146 14.32 28.62 2.00
CA GLY A 146 15.56 28.87 2.71
C GLY A 146 15.51 28.61 4.20
N LYS A 147 14.43 28.06 4.73
CA LYS A 147 14.28 27.89 6.17
C LYS A 147 15.26 26.85 6.70
N PRO A 148 15.82 27.06 7.89
CA PRO A 148 16.91 26.20 8.34
C PRO A 148 16.40 24.86 8.89
N PHE A 149 17.21 23.86 8.65
CA PHE A 149 17.08 22.57 9.32
C PHE A 149 18.43 21.88 9.21
N ASN A 150 18.54 20.68 9.81
CA ASN A 150 19.81 19.96 9.85
C ASN A 150 19.53 18.49 9.52
N GLY A 151 19.55 18.17 8.26
CA GLY A 151 19.43 16.79 7.85
C GLY A 151 19.01 16.72 6.38
N THR A 152 18.33 15.63 6.02
CA THR A 152 17.99 15.38 4.63
C THR A 152 16.57 14.89 4.54
N VAL A 153 15.83 15.39 3.56
N VAL A 153 15.90 15.35 3.46
CA VAL A 153 14.50 14.83 3.24
CA VAL A 153 14.62 14.84 3.00
C VAL A 153 14.63 14.13 1.89
C VAL A 153 14.83 13.96 1.81
N LYS A 154 14.10 12.88 1.79
CA LYS A 154 14.26 11.96 0.69
C LYS A 154 12.91 11.49 0.18
N LEU A 155 12.62 11.76 -1.09
CA LEU A 155 11.41 11.25 -1.72
C LEU A 155 11.63 9.85 -2.25
N LEU A 156 10.65 8.96 -2.01
CA LEU A 156 10.67 7.60 -2.58
C LEU A 156 9.31 7.41 -3.26
N ALA A 157 9.25 7.60 -4.57
CA ALA A 157 8.03 7.47 -5.34
C ALA A 157 8.07 6.12 -6.03
N THR A 158 7.09 5.26 -5.77
CA THR A 158 7.17 3.86 -6.13
C THR A 158 6.25 3.45 -7.28
N VAL A 159 6.68 2.39 -7.95
CA VAL A 159 5.90 1.62 -8.93
C VAL A 159 5.02 0.58 -8.23
N GLY A 160 3.83 0.35 -8.77
CA GLY A 160 3.11 -0.90 -8.49
C GLY A 160 2.75 -1.16 -7.05
N GLU A 161 2.34 -0.15 -6.27
CA GLU A 161 1.91 -0.44 -4.91
C GLU A 161 0.62 -1.24 -4.88
N GLU A 162 -0.29 -0.99 -5.80
CA GLU A 162 -1.63 -1.57 -5.69
C GLU A 162 -1.60 -3.07 -5.92
N VAL A 163 -0.76 -3.54 -6.84
CA VAL A 163 -0.63 -4.98 -7.15
CA VAL A 163 -0.64 -4.98 -7.10
C VAL A 163 0.84 -5.35 -7.00
N GLY A 164 1.21 -5.72 -5.80
CA GLY A 164 2.45 -6.38 -5.48
C GLY A 164 3.40 -5.56 -4.62
N GLU A 165 3.18 -4.24 -4.48
CA GLU A 165 4.17 -3.37 -3.84
C GLU A 165 5.55 -3.60 -4.48
N LEU A 166 5.54 -3.53 -5.82
CA LEU A 166 6.70 -3.91 -6.61
C LEU A 166 7.88 -2.99 -6.39
N GLY A 167 7.63 -1.67 -6.51
CA GLY A 167 8.69 -0.70 -6.29
C GLY A 167 9.12 -0.62 -4.85
N GLY A 168 8.18 -0.75 -3.93
CA GLY A 168 8.57 -0.73 -2.53
C GLY A 168 9.53 -1.86 -2.21
N GLU A 169 9.25 -3.05 -2.71
CA GLU A 169 10.17 -4.16 -2.50
C GLU A 169 11.51 -3.92 -3.23
N GLN A 170 11.45 -3.47 -4.48
CA GLN A 170 12.68 -3.25 -5.23
C GLN A 170 13.58 -2.24 -4.52
N LEU A 171 13.02 -1.11 -4.08
CA LEU A 171 13.84 -0.08 -3.45
C LEU A 171 14.39 -0.54 -2.11
N THR A 172 13.60 -1.32 -1.34
CA THR A 172 14.08 -1.84 -0.06
C THR A 172 15.22 -2.83 -0.28
N LYS A 173 15.03 -3.74 -1.23
CA LYS A 173 16.10 -4.73 -1.48
C LYS A 173 17.36 -4.02 -1.97
N ALA A 174 17.19 -2.96 -2.75
CA ALA A 174 18.36 -2.30 -3.32
C ALA A 174 19.16 -1.53 -2.30
N GLY A 175 18.54 -1.05 -1.21
CA GLY A 175 19.22 -0.32 -0.17
C GLY A 175 18.73 1.11 0.05
N TYR A 176 17.70 1.55 -0.68
CA TYR A 176 17.26 2.96 -0.60
C TYR A 176 16.54 3.34 0.71
N VAL A 177 16.18 2.38 1.55
CA VAL A 177 15.55 2.64 2.84
C VAL A 177 16.59 2.62 3.96
N ASP A 178 17.84 2.23 3.67
CA ASP A 178 18.81 1.95 4.74
C ASP A 178 19.15 3.18 5.54
N ASP A 179 19.11 4.37 4.95
CA ASP A 179 19.52 5.55 5.73
C ASP A 179 18.38 6.25 6.43
N LEU A 180 17.16 5.70 6.37
CA LEU A 180 16.04 6.47 6.90
C LEU A 180 16.00 6.41 8.42
N ASP A 181 15.80 7.55 9.03
CA ASP A 181 15.45 7.59 10.44
C ASP A 181 13.95 7.61 10.64
N ALA A 182 13.19 8.09 9.63
CA ALA A 182 11.75 8.20 9.74
C ALA A 182 11.20 8.17 8.33
N LEU A 183 9.95 7.81 8.21
CA LEU A 183 9.26 7.73 6.91
C LEU A 183 7.81 8.12 7.09
N ILE A 184 7.33 9.01 6.19
CA ILE A 184 5.90 9.29 6.07
C ILE A 184 5.45 8.75 4.72
N ILE A 185 4.38 7.99 4.70
CA ILE A 185 3.74 7.56 3.47
C ILE A 185 2.47 8.39 3.30
N GLY A 186 2.30 9.01 2.13
CA GLY A 186 1.20 9.96 1.89
C GLY A 186 -0.11 9.41 1.42
N GLU A 187 -0.44 8.18 1.83
CA GLU A 187 -1.77 7.61 1.46
C GLU A 187 -2.86 8.45 2.11
N PRO A 188 -4.08 8.36 1.60
CA PRO A 188 -5.17 9.21 2.09
C PRO A 188 -5.64 8.76 3.47
N THR A 189 -5.33 9.59 4.43
CA THR A 189 -5.78 9.42 5.78
C THR A 189 -6.64 10.60 6.18
N ASN A 190 -6.69 11.66 5.37
CA ASN A 190 -7.21 12.95 5.80
C ASN A 190 -6.48 13.32 7.09
N TYR A 191 -7.16 13.98 8.05
CA TYR A 191 -6.48 14.50 9.25
C TYR A 191 -6.49 13.51 10.41
N SER A 192 -5.95 12.33 10.14
N SER A 192 -5.93 12.34 10.13
CA SER A 192 -5.65 11.31 11.14
CA SER A 192 -5.63 11.32 11.13
C SER A 192 -4.29 10.71 10.80
C SER A 192 -4.27 10.73 10.80
N LEU A 193 -3.64 10.10 11.78
CA LEU A 193 -2.32 9.54 11.62
C LEU A 193 -2.44 8.05 11.75
N MET A 194 -2.18 7.31 10.66
CA MET A 194 -2.29 5.86 10.65
C MET A 194 -0.94 5.29 10.97
N TYR A 195 -0.77 4.66 12.13
CA TYR A 195 0.53 4.18 12.54
C TYR A 195 0.67 2.66 12.53
N THR A 196 -0.40 1.96 12.15
CA THR A 196 -0.37 0.51 12.14
C THR A 196 -1.40 0.05 11.12
N HIS A 197 -1.10 -1.05 10.40
CA HIS A 197 -2.10 -1.60 9.49
C HIS A 197 -1.89 -3.11 9.39
N MET A 198 -2.92 -3.79 8.91
CA MET A 198 -2.89 -5.24 8.86
C MET A 198 -1.98 -5.73 7.73
N GLY A 199 -1.63 -7.01 7.82
CA GLY A 199 -0.97 -7.68 6.70
C GLY A 199 -2.05 -8.28 5.80
N SER A 200 -1.61 -8.83 4.66
CA SER A 200 -2.50 -9.42 3.69
C SER A 200 -1.84 -10.61 3.06
N ILE A 201 -2.55 -11.75 3.03
CA ILE A 201 -2.09 -12.98 2.36
C ILE A 201 -3.15 -13.40 1.39
N ASN A 202 -2.81 -13.65 0.14
CA ASN A 202 -3.68 -14.37 -0.78
C ASN A 202 -3.06 -15.73 -1.00
N TYR A 203 -3.88 -16.77 -0.94
CA TYR A 203 -3.36 -18.14 -1.12
C TYR A 203 -4.27 -18.92 -2.06
N THR A 204 -3.70 -20.00 -2.62
CA THR A 204 -4.43 -20.91 -3.49
C THR A 204 -4.24 -22.31 -2.94
N VAL A 205 -5.32 -23.11 -2.90
CA VAL A 205 -5.21 -24.53 -2.62
C VAL A 205 -5.74 -25.28 -3.82
N THR A 206 -4.91 -26.18 -4.36
N THR A 206 -4.89 -26.13 -4.39
CA THR A 206 -5.27 -27.02 -5.49
CA THR A 206 -5.32 -27.03 -5.46
C THR A 206 -5.46 -28.46 -5.04
C THR A 206 -5.61 -28.39 -4.87
N SER A 207 -6.52 -29.09 -5.55
CA SER A 207 -6.89 -30.45 -5.13
C SER A 207 -6.87 -31.39 -6.33
N HIS A 208 -6.10 -32.47 -6.22
CA HIS A 208 -5.99 -33.46 -7.29
C HIS A 208 -6.77 -34.71 -6.95
N GLY A 209 -7.53 -35.20 -7.91
CA GLY A 209 -8.30 -36.43 -7.67
C GLY A 209 -8.19 -37.33 -8.89
N LYS A 210 -9.17 -38.20 -9.08
CA LYS A 210 -9.16 -39.13 -10.20
C LYS A 210 -10.56 -39.32 -10.73
N GLU A 211 -10.69 -39.20 -12.06
CA GLU A 211 -11.97 -39.28 -12.75
C GLU A 211 -12.50 -40.71 -12.73
N ALA A 212 -13.83 -40.81 -12.67
CA ALA A 212 -14.54 -42.09 -12.79
C ALA A 212 -15.98 -41.70 -13.10
N HIS A 213 -16.80 -42.63 -13.59
CA HIS A 213 -18.21 -42.28 -13.76
C HIS A 213 -18.89 -42.21 -12.40
N SER A 214 -19.87 -41.27 -12.27
CA SER A 214 -20.58 -41.11 -11.00
C SER A 214 -21.36 -42.37 -10.57
N SER A 215 -21.71 -43.26 -11.53
CA SER A 215 -22.45 -44.48 -11.21
C SER A 215 -21.55 -45.58 -10.70
N MET A 216 -20.24 -45.47 -10.89
CA MET A 216 -19.30 -46.50 -10.44
C MET A 216 -18.04 -45.78 -10.03
N PRO A 217 -18.08 -45.12 -8.87
CA PRO A 217 -17.04 -44.15 -8.50
C PRO A 217 -15.85 -44.71 -7.74
N ASP A 218 -15.81 -46.03 -7.45
CA ASP A 218 -14.80 -46.56 -6.54
C ASP A 218 -13.38 -46.45 -7.09
N GLN A 219 -13.22 -46.40 -8.40
CA GLN A 219 -11.89 -46.22 -8.96
C GLN A 219 -11.46 -44.75 -9.05
N GLY A 220 -12.31 -43.82 -8.64
CA GLY A 220 -11.96 -42.42 -8.64
C GLY A 220 -11.59 -41.91 -7.26
N TYR A 221 -11.39 -40.58 -7.20
CA TYR A 221 -11.12 -39.87 -5.95
C TYR A 221 -11.68 -38.46 -6.12
N ASN A 222 -12.56 -38.05 -5.17
CA ASN A 222 -13.32 -36.81 -5.37
C ASN A 222 -12.48 -35.61 -4.92
N ALA A 223 -11.99 -34.84 -5.91
CA ALA A 223 -11.17 -33.67 -5.58
C ALA A 223 -11.98 -32.58 -4.87
N ILE A 224 -13.29 -32.45 -5.15
CA ILE A 224 -14.07 -31.43 -4.46
C ILE A 224 -14.22 -31.78 -2.99
N ASN A 225 -14.46 -33.05 -2.67
CA ASN A 225 -14.56 -33.44 -1.26
C ASN A 225 -13.30 -33.11 -0.50
N HIS A 226 -12.15 -33.38 -1.11
CA HIS A 226 -10.93 -33.14 -0.34
C HIS A 226 -10.72 -31.66 -0.13
N LEU A 227 -11.06 -30.85 -1.13
CA LEU A 227 -11.03 -29.40 -0.97
C LEU A 227 -12.00 -28.92 0.10
N ASN A 228 -13.21 -29.49 0.13
CA ASN A 228 -14.18 -29.15 1.18
C ASN A 228 -13.59 -29.36 2.60
N GLU A 229 -12.87 -30.46 2.78
CA GLU A 229 -12.30 -30.75 4.09
C GLU A 229 -11.27 -29.70 4.48
N PHE A 230 -10.54 -29.16 3.49
CA PHE A 230 -9.64 -28.05 3.79
C PHE A 230 -10.44 -26.83 4.22
N ILE A 231 -11.54 -26.49 3.53
CA ILE A 231 -12.27 -25.29 3.88
C ILE A 231 -12.81 -25.42 5.30
N THR A 232 -13.36 -26.59 5.63
CA THR A 232 -13.92 -26.76 6.97
C THR A 232 -12.85 -26.56 8.04
N LYS A 233 -11.69 -27.17 7.85
CA LYS A 233 -10.66 -27.12 8.89
C LYS A 233 -10.02 -25.74 8.93
N ALA A 234 -9.74 -25.15 7.77
CA ALA A 234 -9.13 -23.82 7.79
C ALA A 234 -10.07 -22.80 8.35
N ASN A 235 -11.37 -22.89 8.01
CA ASN A 235 -12.31 -21.96 8.60
C ASN A 235 -12.36 -22.12 10.12
N ALA A 236 -12.37 -23.38 10.59
CA ALA A 236 -12.49 -23.60 12.04
C ALA A 236 -11.22 -23.12 12.77
N GLU A 237 -10.04 -23.37 12.19
CA GLU A 237 -8.81 -22.92 12.84
C GLU A 237 -8.69 -21.41 12.79
N MET A 238 -9.05 -20.81 11.66
CA MET A 238 -8.97 -19.34 11.57
C MET A 238 -10.00 -18.68 12.46
N ASN A 239 -11.18 -19.28 12.63
N ASN A 239 -11.19 -19.28 12.62
CA ASN A 239 -12.17 -18.71 13.52
CA ASN A 239 -12.17 -18.70 13.53
C ASN A 239 -11.71 -18.82 14.97
C ASN A 239 -11.70 -18.81 14.98
N HIS A 240 -11.07 -19.94 15.33
CA HIS A 240 -10.52 -20.08 16.67
C HIS A 240 -9.45 -19.02 16.91
N LEU A 241 -8.62 -18.75 15.90
CA LEU A 241 -7.61 -17.69 16.03
C LEU A 241 -8.28 -16.33 16.19
N ALA A 242 -9.34 -16.02 15.45
CA ALA A 242 -10.06 -14.77 15.63
C ALA A 242 -10.64 -14.64 17.04
N GLU A 243 -11.17 -15.73 17.58
CA GLU A 243 -11.86 -15.68 18.87
C GLU A 243 -10.89 -15.53 20.01
N THR A 244 -9.64 -15.89 19.84
CA THR A 244 -8.73 -15.94 20.99
C THR A 244 -7.66 -14.86 20.99
N ILE A 245 -7.29 -14.32 19.84
CA ILE A 245 -6.20 -13.37 19.72
C ILE A 245 -6.69 -12.14 18.99
N GLU A 246 -6.34 -10.95 19.49
CA GLU A 246 -6.70 -9.74 18.78
C GLU A 246 -5.70 -8.64 19.08
N ASN A 247 -5.73 -7.66 18.19
CA ASN A 247 -4.91 -6.46 18.30
C ASN A 247 -5.78 -5.31 18.81
N PRO A 248 -5.20 -4.49 19.70
CA PRO A 248 -6.00 -3.41 20.31
C PRO A 248 -6.57 -2.43 19.30
N VAL A 249 -5.90 -2.20 18.17
CA VAL A 249 -6.32 -1.23 17.19
C VAL A 249 -6.92 -1.91 15.97
N LEU A 250 -6.30 -3.00 15.49
CA LEU A 250 -6.65 -3.63 14.24
C LEU A 250 -7.68 -4.75 14.36
N GLY A 251 -7.95 -5.22 15.57
CA GLY A 251 -8.97 -6.24 15.72
C GLY A 251 -8.45 -7.64 15.49
N LYS A 252 -9.32 -8.52 15.02
N LYS A 252 -9.32 -8.52 15.01
CA LYS A 252 -9.06 -9.94 14.86
CA LYS A 252 -9.07 -9.94 14.86
C LYS A 252 -8.49 -10.26 13.48
C LYS A 252 -8.53 -10.28 13.47
N THR A 253 -7.82 -11.40 13.39
CA THR A 253 -7.41 -11.91 12.08
C THR A 253 -8.64 -12.21 11.26
N ILE A 254 -8.62 -11.88 9.98
CA ILE A 254 -9.73 -12.09 9.06
C ILE A 254 -9.36 -13.18 8.06
N HIS A 255 -10.29 -14.05 7.70
CA HIS A 255 -10.03 -15.10 6.72
C HIS A 255 -11.27 -15.34 5.90
N ASN A 256 -11.14 -15.34 4.58
CA ASN A 256 -12.24 -15.72 3.69
C ASN A 256 -11.73 -16.48 2.50
N VAL A 257 -12.35 -17.62 2.21
CA VAL A 257 -12.25 -18.23 0.90
C VAL A 257 -13.10 -17.40 -0.05
N THR A 258 -12.53 -16.99 -1.20
CA THR A 258 -13.19 -16.03 -2.08
C THR A 258 -13.40 -16.52 -3.50
N LEU A 259 -12.73 -17.60 -3.91
CA LEU A 259 -12.93 -18.14 -5.26
C LEU A 259 -12.88 -19.66 -5.16
N ILE A 260 -13.71 -20.35 -5.95
CA ILE A 260 -13.64 -21.81 -5.96
C ILE A 260 -14.08 -22.31 -7.32
N SER A 261 -13.51 -23.45 -7.72
CA SER A 261 -13.90 -24.14 -8.94
C SER A 261 -13.58 -25.62 -8.77
N GLY A 262 -14.25 -26.44 -9.59
CA GLY A 262 -13.95 -27.86 -9.52
C GLY A 262 -14.89 -28.64 -10.40
N GLY A 263 -14.35 -29.76 -10.92
CA GLY A 263 -15.13 -30.71 -11.69
C GLY A 263 -15.24 -30.35 -13.15
N ASN A 264 -15.76 -31.32 -13.91
CA ASN A 264 -15.93 -31.11 -15.35
C ASN A 264 -17.27 -31.58 -15.90
N GLN A 265 -17.95 -32.50 -15.23
CA GLN A 265 -19.25 -32.95 -15.73
C GLN A 265 -20.03 -33.50 -14.54
N VAL A 266 -21.35 -33.30 -14.55
CA VAL A 266 -22.15 -33.65 -13.37
C VAL A 266 -22.11 -35.14 -13.03
N ASN A 267 -21.88 -36.00 -14.02
CA ASN A 267 -21.85 -37.43 -13.79
C ASN A 267 -20.43 -37.99 -13.84
N SER A 268 -19.43 -37.15 -13.59
CA SER A 268 -18.04 -37.58 -13.46
CA SER A 268 -18.04 -37.60 -13.45
C SER A 268 -17.50 -37.21 -12.08
N ILE A 269 -16.82 -38.13 -11.43
CA ILE A 269 -16.11 -37.78 -10.20
C ILE A 269 -15.05 -36.74 -10.54
N PRO A 270 -14.95 -35.63 -9.80
CA PRO A 270 -14.08 -34.53 -10.22
C PRO A 270 -12.62 -34.85 -9.93
N SER A 271 -11.77 -34.64 -10.96
CA SER A 271 -10.34 -34.89 -10.78
C SER A 271 -9.56 -33.63 -10.44
N HIS A 272 -10.22 -32.46 -10.47
CA HIS A 272 -9.50 -31.23 -10.13
CA HIS A 272 -9.52 -31.20 -10.19
C HIS A 272 -10.46 -30.27 -9.44
N ALA A 273 -9.93 -29.56 -8.44
CA ALA A 273 -10.69 -28.47 -7.83
C ALA A 273 -9.67 -27.50 -7.29
N GLN A 274 -10.09 -26.24 -7.09
CA GLN A 274 -9.15 -25.25 -6.59
C GLN A 274 -9.94 -24.16 -5.88
N LEU A 275 -9.27 -23.52 -4.92
CA LEU A 275 -9.85 -22.31 -4.30
C LEU A 275 -8.74 -21.29 -4.11
N GLN A 276 -9.17 -20.04 -3.90
CA GLN A 276 -8.27 -19.00 -3.42
C GLN A 276 -8.94 -18.31 -2.25
N GLY A 277 -8.10 -17.75 -1.37
CA GLY A 277 -8.63 -17.01 -0.25
C GLY A 277 -7.72 -15.85 0.16
N ASN A 278 -8.26 -15.00 1.03
CA ASN A 278 -7.59 -13.83 1.54
C ASN A 278 -7.62 -13.82 3.05
N ILE A 279 -6.49 -13.49 3.65
CA ILE A 279 -6.33 -13.34 5.09
C ILE A 279 -5.81 -11.95 5.37
N ARG A 280 -6.31 -11.31 6.40
CA ARG A 280 -5.79 -10.05 6.92
C ARG A 280 -5.23 -10.35 8.29
N SER A 281 -3.92 -10.16 8.46
CA SER A 281 -3.18 -10.59 9.64
C SER A 281 -2.83 -9.43 10.56
N ILE A 282 -2.50 -9.83 11.77
CA ILE A 282 -2.14 -8.90 12.84
C ILE A 282 -0.79 -9.29 13.42
N PRO A 283 -0.06 -8.37 14.05
CA PRO A 283 1.24 -8.71 14.65
CA PRO A 283 1.25 -8.79 14.57
C PRO A 283 1.19 -9.83 15.67
N GLU A 284 0.06 -9.99 16.40
CA GLU A 284 -0.03 -10.98 17.45
C GLU A 284 -0.10 -12.40 16.91
N TYR A 285 -0.30 -12.60 15.63
CA TYR A 285 -0.24 -13.97 15.05
C TYR A 285 0.25 -13.79 13.63
N PRO A 286 1.55 -13.69 13.44
CA PRO A 286 2.09 -13.12 12.21
C PRO A 286 2.05 -14.08 11.01
N ASN A 287 2.38 -13.53 9.84
CA ASN A 287 2.24 -14.26 8.59
C ASN A 287 2.95 -15.62 8.60
N ASP A 288 4.14 -15.73 9.17
N ASP A 288 4.15 -15.70 9.18
CA ASP A 288 4.79 -17.05 9.08
CA ASP A 288 4.87 -16.99 9.23
C ASP A 288 4.07 -18.11 9.92
C ASP A 288 4.00 -18.06 9.86
N LYS A 289 3.34 -17.70 10.95
CA LYS A 289 2.52 -18.66 11.69
C LYS A 289 1.28 -19.02 10.92
N ILE A 290 0.68 -18.05 10.21
CA ILE A 290 -0.52 -18.34 9.43
C ILE A 290 -0.20 -19.32 8.31
N ILE A 291 0.92 -19.10 7.64
CA ILE A 291 1.29 -19.96 6.53
C ILE A 291 1.63 -21.34 7.05
N ALA A 292 2.32 -21.43 8.18
CA ALA A 292 2.61 -22.75 8.75
C ALA A 292 1.31 -23.45 9.16
N LEU A 293 0.36 -22.73 9.68
CA LEU A 293 -0.93 -23.33 10.06
C LEU A 293 -1.67 -23.87 8.84
N LEU A 294 -1.75 -23.10 7.76
CA LEU A 294 -2.38 -23.57 6.54
C LEU A 294 -1.68 -24.82 6.05
N GLN A 295 -0.33 -24.79 6.02
CA GLN A 295 0.43 -25.95 5.57
C GLN A 295 0.15 -27.15 6.48
N SER A 296 0.06 -26.94 7.78
N SER A 296 -0.02 -26.96 7.79
CA SER A 296 -0.22 -28.05 8.66
CA SER A 296 -0.26 -28.12 8.67
C SER A 296 -1.52 -28.72 8.24
C SER A 296 -1.67 -28.70 8.52
N ILE A 297 -2.57 -27.91 7.99
CA ILE A 297 -3.88 -28.44 7.65
C ILE A 297 -3.79 -29.27 6.38
N VAL A 298 -3.14 -28.75 5.35
CA VAL A 298 -2.91 -29.50 4.14
C VAL A 298 -2.22 -30.81 4.49
N ASN A 299 -1.25 -30.78 5.39
CA ASN A 299 -0.53 -32.02 5.74
C ASN A 299 -1.43 -33.03 6.41
N GLU A 300 -2.23 -32.62 7.40
CA GLU A 300 -3.12 -33.55 8.05
C GLU A 300 -4.09 -34.17 7.04
N LEU A 301 -4.58 -33.37 6.11
CA LEU A 301 -5.54 -33.87 5.12
C LEU A 301 -4.93 -34.73 4.04
N ASN A 302 -3.62 -34.66 3.75
CA ASN A 302 -2.98 -35.52 2.77
C ASN A 302 -2.49 -36.86 3.36
N GLN A 303 -2.63 -37.08 4.66
N GLN A 303 -2.64 -37.08 4.66
CA GLN A 303 -2.23 -38.37 5.21
CA GLN A 303 -2.26 -38.36 5.25
C GLN A 303 -3.00 -39.48 4.50
C GLN A 303 -3.02 -39.48 4.54
N GLU A 304 -2.31 -40.59 4.25
CA GLU A 304 -2.95 -41.82 3.81
C GLU A 304 -3.63 -41.71 2.46
N THR A 305 -3.22 -40.76 1.62
CA THR A 305 -3.70 -40.72 0.24
C THR A 305 -2.61 -40.17 -0.66
N ASP A 306 -2.67 -40.57 -1.92
CA ASP A 306 -1.77 -40.05 -2.93
C ASP A 306 -2.41 -38.94 -3.74
N TYR A 307 -3.67 -38.59 -3.42
CA TYR A 307 -4.39 -37.53 -4.09
C TYR A 307 -4.36 -36.32 -3.18
N HIS A 308 -3.52 -35.30 -3.55
CA HIS A 308 -3.11 -34.30 -2.58
C HIS A 308 -3.71 -32.92 -2.84
N LEU A 309 -3.89 -32.25 -1.72
CA LEU A 309 -4.06 -30.80 -1.69
C LEU A 309 -2.67 -30.18 -1.71
N GLU A 310 -2.59 -29.01 -2.32
CA GLU A 310 -1.30 -28.29 -2.37
C GLU A 310 -1.59 -26.82 -2.10
N LEU A 311 -0.77 -26.22 -1.24
CA LEU A 311 -0.87 -24.81 -0.87
C LEU A 311 0.17 -23.95 -1.63
N MET A 312 -0.29 -22.84 -2.22
CA MET A 312 0.61 -21.84 -2.82
C MET A 312 0.26 -20.49 -2.20
N ILE A 313 1.27 -19.72 -1.83
CA ILE A 313 1.08 -18.37 -1.29
C ILE A 313 1.32 -17.40 -2.44
N ASP A 314 0.31 -16.68 -2.86
CA ASP A 314 0.36 -15.77 -4.00
C ASP A 314 0.74 -14.35 -3.65
N TYR A 315 0.39 -13.90 -2.43
N TYR A 315 0.50 -13.91 -2.42
CA TYR A 315 0.66 -12.57 -1.93
CA TYR A 315 0.71 -12.52 -2.02
C TYR A 315 0.98 -12.72 -0.44
C TYR A 315 0.88 -12.61 -0.52
N ASN A 316 1.91 -11.95 0.07
CA ASN A 316 2.30 -12.12 1.45
C ASN A 316 2.89 -10.81 1.96
N LYS A 317 2.03 -9.95 2.48
CA LYS A 317 2.46 -8.64 3.00
C LYS A 317 2.29 -8.63 4.50
N ILE A 318 3.34 -8.32 5.23
CA ILE A 318 3.34 -8.37 6.67
C ILE A 318 2.54 -7.23 7.30
N PRO A 319 2.05 -7.41 8.53
N PRO A 319 2.01 -7.39 8.50
CA PRO A 319 1.48 -6.26 9.27
CA PRO A 319 1.44 -6.23 9.20
C PRO A 319 2.57 -5.24 9.49
C PRO A 319 2.56 -5.28 9.65
N VAL A 320 2.12 -4.01 9.79
N VAL A 320 2.17 -4.02 9.89
CA VAL A 320 3.01 -2.89 10.10
CA VAL A 320 3.12 -3.01 10.32
C VAL A 320 2.56 -2.30 11.43
C VAL A 320 2.59 -2.37 11.58
N LYS A 321 3.52 -2.00 12.31
N LYS A 321 3.49 -2.01 12.49
CA LYS A 321 3.17 -1.34 13.56
CA LYS A 321 3.07 -1.27 13.67
C LYS A 321 4.30 -0.42 13.96
C LYS A 321 4.24 -0.40 14.07
N ALA A 322 4.03 0.89 14.00
CA ALA A 322 5.06 1.85 14.40
C ALA A 322 4.87 2.26 15.84
N ASP A 323 5.86 2.98 16.35
CA ASP A 323 5.77 3.57 17.68
C ASP A 323 4.82 4.77 17.62
N PRO A 324 3.67 4.75 18.29
CA PRO A 324 2.76 5.90 18.24
C PRO A 324 3.30 7.13 18.99
N ASP A 325 4.39 6.98 19.74
CA ASP A 325 4.96 8.11 20.46
C ASP A 325 6.29 8.53 19.88
N SER A 326 6.53 8.22 18.62
CA SER A 326 7.83 8.52 18.03
C SER A 326 8.09 10.03 17.88
N PRO A 327 9.36 10.42 17.81
CA PRO A 327 9.67 11.82 17.46
C PRO A 327 9.00 12.28 16.16
N LEU A 328 8.85 11.41 15.15
CA LEU A 328 8.15 11.83 13.94
C LEU A 328 6.71 12.20 14.24
N ILE A 329 6.01 11.36 15.02
CA ILE A 329 4.63 11.68 15.34
C ILE A 329 4.53 12.96 16.17
N HIS A 330 5.46 13.14 17.11
CA HIS A 330 5.48 14.40 17.87
C HIS A 330 5.65 15.63 16.96
N SER A 331 6.54 15.51 15.96
CA SER A 331 6.74 16.63 15.03
C SER A 331 5.48 16.91 14.23
N ILE A 332 4.71 15.89 13.89
CA ILE A 332 3.48 16.15 13.16
C ILE A 332 2.43 16.80 14.07
N GLN A 333 2.28 16.26 15.31
CA GLN A 333 1.25 16.84 16.18
C GLN A 333 1.57 18.29 16.54
N GLN A 334 2.84 18.66 16.56
CA GLN A 334 3.26 20.03 16.83
C GLN A 334 2.80 21.01 15.76
N GLN A 335 2.30 20.55 14.62
CA GLN A 335 1.79 21.45 13.59
C GLN A 335 0.36 21.90 13.84
N PHE A 336 -0.34 21.31 14.81
CA PHE A 336 -1.78 21.48 15.00
C PHE A 336 -2.09 21.98 16.42
N SER A 337 -3.15 22.79 16.54
N SER A 337 -3.12 22.82 16.52
CA SER A 337 -3.56 23.25 17.86
CA SER A 337 -3.61 23.25 17.83
C SER A 337 -4.23 22.16 18.69
C SER A 337 -4.03 22.05 18.68
N GLN A 338 -4.73 21.09 18.06
CA GLN A 338 -5.24 19.91 18.75
C GLN A 338 -4.64 18.68 18.07
N PRO A 339 -4.27 17.68 18.83
CA PRO A 339 -3.64 16.51 18.20
C PRO A 339 -4.58 15.77 17.28
N LEU A 340 -4.04 15.25 16.18
CA LEU A 340 -4.85 14.39 15.30
C LEU A 340 -5.02 13.00 15.93
N PRO A 341 -6.13 12.33 15.61
CA PRO A 341 -6.33 10.94 16.07
C PRO A 341 -5.27 9.99 15.50
N LEU A 342 -4.76 9.12 16.34
N LEU A 342 -4.84 9.02 16.31
CA LEU A 342 -3.97 7.97 15.94
CA LEU A 342 -3.92 7.95 15.95
C LEU A 342 -4.92 6.83 15.59
C LEU A 342 -4.71 6.68 15.70
N VAL A 343 -4.69 6.19 14.44
CA VAL A 343 -5.58 5.14 13.96
C VAL A 343 -4.78 4.01 13.34
N GLY A 344 -5.50 2.90 13.15
CA GLY A 344 -5.02 1.81 12.33
C GLY A 344 -5.91 1.66 11.11
N ALA A 345 -5.53 0.76 10.22
CA ALA A 345 -6.31 0.48 9.03
C ALA A 345 -6.11 -0.98 8.61
N ALA A 346 -7.08 -1.45 7.84
CA ALA A 346 -7.02 -2.82 7.30
C ALA A 346 -6.12 -2.95 6.08
N ALA A 347 -6.06 -1.98 5.19
CA ALA A 347 -5.37 -2.17 3.92
C ALA A 347 -3.87 -2.08 4.09
N THR A 348 -3.19 -2.81 3.23
CA THR A 348 -1.73 -2.73 3.19
C THR A 348 -1.25 -1.45 2.52
N THR A 349 0.04 -1.15 2.68
CA THR A 349 0.73 -0.03 2.07
C THR A 349 2.13 -0.49 1.73
N ASP A 350 2.90 0.35 1.04
CA ASP A 350 4.31 0.04 0.79
C ASP A 350 5.13 -0.10 2.06
N ALA A 351 4.63 0.34 3.23
CA ALA A 351 5.35 0.06 4.46
C ALA A 351 5.55 -1.42 4.70
N ALA A 352 4.67 -2.28 4.18
CA ALA A 352 4.87 -3.72 4.36
C ALA A 352 6.16 -4.18 3.71
N GLU A 353 6.66 -3.47 2.70
CA GLU A 353 7.96 -3.77 2.12
C GLU A 353 9.05 -2.93 2.77
N PHE A 354 8.85 -1.62 2.97
CA PHE A 354 9.96 -0.82 3.52
C PHE A 354 10.37 -1.26 4.91
N THR A 355 9.42 -1.75 5.74
CA THR A 355 9.77 -2.13 7.11
C THR A 355 10.58 -3.40 7.17
N LYS A 356 10.75 -4.10 6.05
CA LYS A 356 11.70 -5.21 6.02
CA LYS A 356 11.68 -5.21 5.95
C LYS A 356 13.14 -4.77 5.91
N ALA A 357 13.43 -3.48 5.77
CA ALA A 357 14.80 -3.02 5.89
C ALA A 357 15.38 -3.46 7.22
N ASN A 358 16.72 -3.66 7.23
CA ASN A 358 17.40 -4.20 8.42
C ASN A 358 17.70 -3.18 9.51
N HIS A 359 16.83 -2.19 9.72
CA HIS A 359 16.88 -1.32 10.89
C HIS A 359 15.50 -0.76 11.16
N SER A 360 15.31 -0.20 12.36
N SER A 360 15.31 -0.23 12.36
CA SER A 360 14.04 0.36 12.79
CA SER A 360 14.05 0.36 12.77
C SER A 360 14.03 1.86 12.52
C SER A 360 14.06 1.84 12.43
N PHE A 361 12.92 2.33 11.97
CA PHE A 361 12.74 3.75 11.73
C PHE A 361 11.34 4.15 12.20
N ASP A 362 11.18 5.40 12.59
CA ASP A 362 9.85 5.95 12.87
C ASP A 362 9.02 5.91 11.56
N PHE A 363 7.71 5.75 11.72
N PHE A 363 7.75 5.58 11.64
CA PHE A 363 6.83 5.52 10.58
CA PHE A 363 6.97 5.75 10.41
C PHE A 363 5.46 6.11 10.86
C PHE A 363 5.54 6.07 10.78
N VAL A 364 4.84 6.70 9.83
CA VAL A 364 3.41 6.99 9.93
C VAL A 364 2.85 7.12 8.51
N VAL A 365 1.56 6.94 8.35
CA VAL A 365 0.86 7.23 7.10
C VAL A 365 0.03 8.47 7.35
N PHE A 366 0.19 9.49 6.51
CA PHE A 366 -0.50 10.76 6.68
C PHE A 366 -0.52 11.42 5.31
N GLY A 367 -1.71 11.63 4.78
CA GLY A 367 -1.84 12.19 3.44
C GLY A 367 -3.21 12.79 3.21
N PRO A 368 -3.34 13.68 2.26
CA PRO A 368 -4.66 14.23 1.91
C PRO A 368 -5.51 13.17 1.25
N GLY A 369 -6.82 13.41 1.29
CA GLY A 369 -7.76 12.59 0.58
C GLY A 369 -9.02 12.40 1.41
N VAL A 370 -10.00 11.83 0.73
CA VAL A 370 -11.30 11.50 1.31
C VAL A 370 -11.26 10.02 1.64
N VAL A 371 -11.30 9.67 2.93
CA VAL A 371 -10.97 8.31 3.38
C VAL A 371 -11.90 7.24 2.81
N THR A 372 -13.13 7.60 2.46
CA THR A 372 -14.09 6.62 1.94
C THR A 372 -13.93 6.37 0.45
N LEU A 373 -13.14 7.17 -0.26
CA LEU A 373 -13.14 7.13 -1.71
C LEU A 373 -12.01 6.40 -2.42
N PRO A 374 -10.98 5.85 -1.77
CA PRO A 374 -10.00 5.10 -2.56
C PRO A 374 -10.70 3.96 -3.28
N HIS A 375 -10.40 3.82 -4.56
CA HIS A 375 -10.89 2.73 -5.39
C HIS A 375 -12.37 2.84 -5.72
N GLN A 376 -13.02 3.97 -5.52
CA GLN A 376 -14.45 4.07 -5.74
C GLN A 376 -14.74 4.90 -7.00
N VAL A 377 -15.95 4.74 -7.53
CA VAL A 377 -16.42 5.62 -8.58
C VAL A 377 -16.51 7.05 -8.02
N ASP A 378 -16.27 8.05 -8.90
CA ASP A 378 -16.38 9.46 -8.54
C ASP A 378 -15.43 9.85 -7.41
N GLU A 379 -14.25 9.22 -7.40
CA GLU A 379 -13.19 9.62 -6.50
C GLU A 379 -12.84 11.09 -6.73
N TYR A 380 -12.61 11.81 -5.63
CA TYR A 380 -12.13 13.17 -5.68
C TYR A 380 -11.26 13.43 -4.46
N VAL A 381 -10.54 14.54 -4.50
CA VAL A 381 -9.85 15.11 -3.35
C VAL A 381 -10.33 16.55 -3.15
N GLU A 382 -10.33 16.99 -1.90
CA GLU A 382 -10.63 18.38 -1.59
C GLU A 382 -9.41 19.25 -1.82
N ILE A 383 -9.55 20.27 -2.66
CA ILE A 383 -8.42 21.10 -3.03
C ILE A 383 -7.80 21.78 -1.82
N ASP A 384 -8.64 22.28 -0.90
CA ASP A 384 -8.04 22.95 0.26
C ASP A 384 -7.22 21.97 1.13
N ASN A 385 -7.64 20.71 1.19
CA ASN A 385 -6.90 19.67 1.93
C ASN A 385 -5.55 19.43 1.27
N TYR A 386 -5.55 19.29 -0.06
CA TYR A 386 -4.29 19.12 -0.79
C TYR A 386 -3.34 20.27 -0.58
N LEU A 387 -3.84 21.51 -0.73
CA LEU A 387 -2.96 22.66 -0.59
C LEU A 387 -2.47 22.81 0.86
N ASP A 388 -3.33 22.50 1.83
CA ASP A 388 -2.86 22.59 3.21
C ASP A 388 -1.75 21.56 3.46
N MET A 389 -1.90 20.35 2.87
CA MET A 389 -0.87 19.35 3.17
C MET A 389 0.50 19.71 2.59
N ILE A 390 0.55 20.47 1.50
CA ILE A 390 1.82 20.98 1.01
C ILE A 390 2.53 21.78 2.09
N GLU A 391 1.76 22.63 2.79
CA GLU A 391 2.32 23.43 3.86
C GLU A 391 2.62 22.59 5.11
N LYS A 392 1.72 21.70 5.46
CA LYS A 392 1.96 20.89 6.67
C LYS A 392 3.18 20.00 6.52
N TYR A 393 3.42 19.43 5.30
CA TYR A 393 4.62 18.64 5.15
C TYR A 393 5.90 19.45 5.40
N GLN A 394 5.91 20.71 4.94
CA GLN A 394 7.08 21.52 5.17
C GLN A 394 7.30 21.76 6.65
N GLY A 395 6.23 22.07 7.40
CA GLY A 395 6.36 22.24 8.83
C GLY A 395 6.86 20.99 9.52
N ILE A 396 6.32 19.82 9.12
CA ILE A 396 6.79 18.56 9.68
C ILE A 396 8.26 18.37 9.46
N ILE A 397 8.73 18.59 8.23
CA ILE A 397 10.14 18.43 7.92
C ILE A 397 11.00 19.34 8.78
N LEU A 398 10.60 20.61 8.87
CA LEU A 398 11.40 21.56 9.63
C LEU A 398 11.46 21.17 11.11
N SER A 399 10.37 20.66 11.67
N SER A 399 10.35 20.65 11.66
CA SER A 399 10.41 20.24 13.08
CA SER A 399 10.26 20.24 13.06
C SER A 399 11.26 18.97 13.24
C SER A 399 11.07 18.98 13.33
N TYR A 400 10.99 17.98 12.42
CA TYR A 400 11.65 16.71 12.62
C TYR A 400 13.14 16.83 12.42
N LEU A 401 13.56 17.62 11.43
CA LEU A 401 14.96 17.81 11.08
C LEU A 401 15.56 19.03 11.75
N ALA A 402 14.94 19.56 12.77
CA ALA A 402 15.44 20.79 13.45
C ALA A 402 16.86 20.57 13.94
#